data_4ATO
#
_entry.id   4ATO
#
_cell.length_a   127.100
_cell.length_b   127.100
_cell.length_c   37.735
_cell.angle_alpha   90.00
_cell.angle_beta   90.00
_cell.angle_gamma   120.00
#
_symmetry.space_group_name_H-M   'P 6'
#
loop_
_entity.id
_entity.type
_entity.pdbx_description
1 polymer TOXN
2 polymer TOXI
3 non-polymer (4S)-2-METHYL-2,4-PENTANEDIOL
4 water water
#
loop_
_entity_poly.entity_id
_entity_poly.type
_entity_poly.pdbx_seq_one_letter_code
_entity_poly.pdbx_strand_id
1 'polypeptide(L)'
;MTNKDNPKFHTISTEYIDYLREADSKVPFNKDEQHSRPYVGVLEKINGHDYFVPLTSRNDKNFNSQVSVKLFDNDEKRIG
VLLVNNMIPVPEKECKEIDIAEKTAADPQYGNLMLKQYLFLKENMDRVTNKVEKVYKDVTVQGKPSHKQKFLKGVCCDFP
KLEEKCQEYKERDQAKERDKARRIAYMRQMGRER
;
A
2 'polyribonucleotide' AAAUUGGUGUAACCUUACCGUAGUAGGUGCUAA(A23) G
#
# COMPACT_ATOMS: atom_id res chain seq x y z
N ASP A 5 6.26 -0.75 15.21
CA ASP A 5 4.93 -0.29 15.62
C ASP A 5 4.53 1.04 14.96
N ASN A 6 5.52 1.83 14.57
CA ASN A 6 5.29 3.07 13.83
C ASN A 6 5.60 2.93 12.35
N PRO A 7 4.70 3.41 11.50
CA PRO A 7 4.76 3.19 10.06
C PRO A 7 6.00 3.78 9.37
N LYS A 8 6.52 3.07 8.37
CA LYS A 8 7.59 3.57 7.52
C LYS A 8 7.05 3.68 6.11
N PHE A 9 7.34 4.81 5.46
CA PHE A 9 7.01 4.99 4.05
C PHE A 9 8.10 4.39 3.18
N HIS A 10 7.74 4.03 1.95
CA HIS A 10 8.72 3.52 0.98
C HIS A 10 8.33 3.92 -0.43
N THR A 11 9.32 4.02 -1.30
CA THR A 11 9.08 4.00 -2.74
C THR A 11 9.48 2.63 -3.26
N ILE A 12 8.83 2.19 -4.33
CA ILE A 12 9.12 0.89 -4.91
C ILE A 12 9.65 1.07 -6.34
N SER A 13 10.64 0.27 -6.72
CA SER A 13 11.28 0.43 -8.01
C SER A 13 10.27 0.15 -9.12
N THR A 14 10.29 0.95 -10.16
CA THR A 14 9.32 0.82 -11.23
C THR A 14 9.53 -0.48 -12.00
N GLU A 15 10.75 -1.00 -11.95
CA GLU A 15 11.04 -2.28 -12.58
C GLU A 15 10.20 -3.37 -11.92
N TYR A 16 10.24 -3.41 -10.60
CA TYR A 16 9.50 -4.44 -9.88
C TYR A 16 8.00 -4.24 -10.00
N ILE A 17 7.55 -2.99 -10.03
CA ILE A 17 6.12 -2.71 -10.18
C ILE A 17 5.62 -3.21 -11.54
N ASP A 18 6.34 -2.87 -12.59
CA ASP A 18 6.00 -3.30 -13.94
C ASP A 18 6.04 -4.82 -14.05
N TYR A 19 6.99 -5.41 -13.36
CA TYR A 19 7.13 -6.85 -13.32
C TYR A 19 5.92 -7.47 -12.64
N LEU A 20 5.43 -6.84 -11.58
CA LEU A 20 4.23 -7.34 -10.92
C LEU A 20 2.99 -7.16 -11.79
N ARG A 21 2.84 -5.99 -12.41
CA ARG A 21 1.63 -5.72 -13.18
C ARG A 21 1.45 -6.67 -14.37
N GLU A 22 2.53 -7.35 -14.76
CA GLU A 22 2.44 -8.43 -15.72
C GLU A 22 1.48 -9.51 -15.23
N ALA A 23 1.54 -9.83 -13.94
CA ALA A 23 0.73 -10.89 -13.36
C ALA A 23 -0.65 -10.40 -12.92
N ASP A 24 -0.77 -9.12 -12.58
CA ASP A 24 -2.03 -8.54 -12.13
C ASP A 24 -2.12 -7.06 -12.50
N SER A 25 -3.08 -6.75 -13.37
CA SER A 25 -3.23 -5.40 -13.90
C SER A 25 -3.69 -4.37 -12.86
N LYS A 26 -4.04 -4.81 -11.65
CA LYS A 26 -4.51 -3.88 -10.62
C LYS A 26 -3.38 -3.25 -9.80
N VAL A 27 -2.15 -3.68 -10.05
CA VAL A 27 -1.00 -3.05 -9.38
C VAL A 27 -0.96 -1.58 -9.78
N PRO A 28 -0.72 -0.68 -8.80
CA PRO A 28 -0.79 0.75 -9.12
C PRO A 28 0.36 1.25 -10.00
N PHE A 29 0.02 2.10 -10.98
CA PHE A 29 1.03 2.80 -11.77
C PHE A 29 1.94 3.55 -10.80
N ASN A 30 3.23 3.52 -11.01
CA ASN A 30 4.14 4.15 -10.09
C ASN A 30 4.28 5.65 -10.27
N LYS A 31 3.97 6.13 -11.46
CA LYS A 31 4.17 7.52 -11.83
C LYS A 31 5.39 8.16 -11.21
N ASP A 32 6.56 7.67 -11.55
CA ASP A 32 7.77 8.15 -10.92
C ASP A 32 8.33 9.45 -11.48
N GLU A 33 7.54 10.14 -12.29
CA GLU A 33 8.02 11.31 -13.00
C GLU A 33 8.48 12.45 -12.09
N GLN A 34 7.71 12.72 -11.03
CA GLN A 34 8.18 13.68 -10.02
C GLN A 34 8.18 13.11 -8.60
N HIS A 35 7.09 12.48 -8.20
CA HIS A 35 7.01 11.86 -6.88
C HIS A 35 6.54 10.42 -6.97
N SER A 36 7.50 9.49 -6.99
CA SER A 36 7.22 8.06 -7.07
C SER A 36 6.25 7.66 -5.96
N ARG A 37 5.22 6.89 -6.30
CA ARG A 37 4.12 6.63 -5.39
C ARG A 37 4.58 6.00 -4.08
N PRO A 38 4.31 6.69 -2.96
CA PRO A 38 4.75 6.16 -1.68
C PRO A 38 3.80 5.07 -1.19
N TYR A 39 4.38 4.10 -0.48
CA TYR A 39 3.67 2.97 0.09
C TYR A 39 3.98 2.95 1.57
N VAL A 40 3.05 2.46 2.37
CA VAL A 40 3.29 2.27 3.79
C VAL A 40 3.58 0.80 4.07
N GLY A 41 4.57 0.53 4.90
CA GLY A 41 4.91 -0.84 5.21
C GLY A 41 3.96 -1.45 6.24
N VAL A 42 3.38 -2.59 5.89
CA VAL A 42 2.59 -3.37 6.83
C VAL A 42 3.53 -3.80 7.95
N LEU A 43 3.07 -3.65 9.20
CA LEU A 43 3.94 -3.83 10.38
C LEU A 43 4.53 -5.23 10.51
N GLU A 44 3.74 -6.25 10.24
CA GLU A 44 4.24 -7.61 10.29
C GLU A 44 4.19 -8.32 8.93
N LYS A 45 5.09 -9.23 8.71
CA LYS A 45 5.15 -10.00 7.48
C LYS A 45 3.87 -10.81 7.31
N ILE A 46 3.51 -11.10 6.06
CA ILE A 46 2.41 -12.01 5.78
C ILE A 46 2.94 -13.19 4.98
N ASN A 47 2.84 -14.39 5.56
CA ASN A 47 3.40 -15.59 4.97
C ASN A 47 4.84 -15.43 4.50
N GLY A 48 5.62 -14.71 5.30
CA GLY A 48 7.02 -14.50 5.00
C GLY A 48 7.30 -13.32 4.09
N HIS A 49 6.25 -12.68 3.57
CA HIS A 49 6.42 -11.54 2.65
C HIS A 49 6.26 -10.19 3.33
N ASP A 50 7.10 -9.24 2.95
CA ASP A 50 6.93 -7.85 3.35
C ASP A 50 5.88 -7.20 2.43
N TYR A 51 4.77 -6.76 3.01
CA TYR A 51 3.72 -6.12 2.23
C TYR A 51 3.73 -4.61 2.35
N PHE A 52 3.29 -3.95 1.29
CA PHE A 52 3.33 -2.50 1.22
C PHE A 52 2.03 -1.98 0.64
N VAL A 53 1.45 -0.98 1.31
CA VAL A 53 0.13 -0.46 0.96
C VAL A 53 0.28 0.91 0.29
N PRO A 54 -0.16 1.00 -0.96
CA PRO A 54 0.01 2.22 -1.76
C PRO A 54 -0.87 3.38 -1.30
N LEU A 55 -0.32 4.59 -1.40
CA LEU A 55 -1.08 5.82 -1.19
C LEU A 55 -1.61 6.35 -2.50
N THR A 56 -2.77 7.01 -2.46
CA THR A 56 -3.24 7.77 -3.60
C THR A 56 -3.69 9.14 -3.14
N SER A 57 -3.65 10.12 -4.03
CA SER A 57 -4.18 11.46 -3.76
C SER A 57 -5.59 11.66 -4.31
N ARG A 58 -6.16 10.62 -4.91
CA ARG A 58 -7.54 10.73 -5.42
C ARG A 58 -8.54 10.67 -4.25
N ASN A 59 -8.52 11.71 -3.43
CA ASN A 59 -9.22 11.73 -2.15
C ASN A 59 -10.76 11.72 -2.21
N ASP A 60 -11.34 12.03 -3.36
CA ASP A 60 -12.79 12.15 -3.49
C ASP A 60 -13.48 10.99 -4.18
N LYS A 61 -12.74 9.94 -4.52
CA LYS A 61 -13.37 8.78 -5.15
C LYS A 61 -14.34 8.08 -4.20
N ASN A 62 -15.18 7.23 -4.76
CA ASN A 62 -16.01 6.35 -3.94
C ASN A 62 -15.18 5.18 -3.42
N PHE A 63 -14.71 5.27 -2.17
CA PHE A 63 -13.97 4.14 -1.59
C PHE A 63 -14.86 3.35 -0.63
N ASN A 64 -14.76 2.02 -0.67
CA ASN A 64 -15.39 1.22 0.36
C ASN A 64 -14.46 1.15 1.56
N SER A 65 -15.02 1.31 2.76
CA SER A 65 -14.19 1.46 3.95
C SER A 65 -13.42 0.20 4.28
N GLN A 66 -13.92 -0.95 3.83
CA GLN A 66 -13.28 -2.23 4.12
C GLN A 66 -11.89 -2.35 3.50
N VAL A 67 -11.64 -1.63 2.42
CA VAL A 67 -10.35 -1.73 1.71
C VAL A 67 -9.62 -0.41 1.58
N SER A 68 -9.92 0.53 2.47
CA SER A 68 -9.21 1.80 2.41
C SER A 68 -9.10 2.46 3.78
N VAL A 69 -8.11 3.33 3.90
CA VAL A 69 -7.97 4.16 5.07
C VAL A 69 -7.75 5.58 4.58
N LYS A 70 -8.69 6.46 4.90
CA LYS A 70 -8.58 7.85 4.54
C LYS A 70 -7.73 8.60 5.57
N LEU A 71 -6.77 9.36 5.12
CA LEU A 71 -5.96 10.16 5.99
C LEU A 71 -6.47 11.59 6.05
N PHE A 72 -6.42 12.20 7.23
CA PHE A 72 -6.84 13.58 7.40
C PHE A 72 -5.79 14.37 8.18
N ASP A 73 -5.63 15.64 7.85
CA ASP A 73 -4.70 16.50 8.62
C ASP A 73 -5.43 17.16 9.78
N ASN A 74 -4.73 17.95 10.56
CA ASN A 74 -5.30 18.55 11.74
C ASN A 74 -6.43 19.51 11.51
N ASP A 75 -6.50 20.06 10.31
CA ASP A 75 -7.59 20.95 9.96
C ASP A 75 -8.66 20.20 9.21
N GLU A 76 -8.50 18.91 9.12
CA GLU A 76 -9.51 18.08 8.52
C GLU A 76 -9.51 17.99 7.02
N LYS A 77 -8.45 18.42 6.39
CA LYS A 77 -8.34 18.26 4.96
C LYS A 77 -7.96 16.84 4.61
N ARG A 78 -8.40 16.38 3.45
CA ARG A 78 -8.06 15.05 3.01
C ARG A 78 -6.62 15.05 2.51
N ILE A 79 -5.81 14.14 3.04
CA ILE A 79 -4.41 14.08 2.66
C ILE A 79 -4.00 12.67 2.27
N GLY A 80 -4.78 12.03 1.40
CA GLY A 80 -4.41 10.71 0.90
C GLY A 80 -5.35 9.61 1.35
N VAL A 81 -5.30 8.51 0.62
CA VAL A 81 -6.10 7.33 0.97
C VAL A 81 -5.19 6.13 0.78
N LEU A 82 -5.12 5.26 1.79
CA LEU A 82 -4.33 4.05 1.61
C LEU A 82 -5.23 3.02 0.96
N LEU A 83 -4.76 2.46 -0.15
CA LEU A 83 -5.51 1.44 -0.88
C LEU A 83 -5.14 0.02 -0.43
N VAL A 84 -5.79 -0.49 0.61
CA VAL A 84 -5.42 -1.83 1.05
CA VAL A 84 -5.52 -1.84 1.10
C VAL A 84 -5.75 -2.88 0.00
N ASN A 85 -6.73 -2.60 -0.87
CA ASN A 85 -7.03 -3.49 -2.00
C ASN A 85 -5.88 -3.64 -2.99
N ASN A 86 -5.00 -2.66 -3.06
CA ASN A 86 -3.84 -2.73 -3.95
C ASN A 86 -2.50 -3.01 -3.25
N MET A 87 -2.53 -3.53 -2.04
CA MET A 87 -1.28 -3.85 -1.35
C MET A 87 -0.50 -4.95 -2.09
N ILE A 88 0.82 -4.88 -2.02
CA ILE A 88 1.68 -5.78 -2.77
C ILE A 88 2.84 -6.29 -1.94
N PRO A 89 3.32 -7.51 -2.23
CA PRO A 89 4.51 -8.05 -1.59
C PRO A 89 5.72 -7.57 -2.35
N VAL A 90 6.77 -7.12 -1.66
CA VAL A 90 7.95 -6.56 -2.31
C VAL A 90 9.22 -7.03 -1.59
N PRO A 91 10.25 -7.45 -2.37
CA PRO A 91 11.54 -7.83 -1.77
C PRO A 91 12.31 -6.58 -1.35
N GLU A 92 13.17 -6.72 -0.33
CA GLU A 92 13.79 -5.56 0.30
C GLU A 92 14.80 -4.82 -0.56
N LYS A 93 15.20 -5.43 -1.67
CA LYS A 93 16.11 -4.77 -2.60
C LYS A 93 15.36 -3.89 -3.59
N GLU A 94 14.05 -4.13 -3.73
CA GLU A 94 13.27 -3.34 -4.68
C GLU A 94 12.49 -2.21 -4.01
N CYS A 95 12.83 -1.90 -2.76
CA CYS A 95 12.19 -0.77 -2.09
C CYS A 95 13.18 0.10 -1.30
N LYS A 96 12.93 1.40 -1.30
CA LYS A 96 13.76 2.34 -0.57
C LYS A 96 12.96 3.06 0.51
N GLU A 97 13.57 3.22 1.68
CA GLU A 97 12.95 3.93 2.78
C GLU A 97 12.93 5.44 2.48
N ILE A 98 11.83 6.11 2.83
CA ILE A 98 11.75 7.55 2.63
C ILE A 98 12.16 8.34 3.86
N ASP A 99 13.15 9.21 3.69
CA ASP A 99 13.61 10.10 4.74
C ASP A 99 12.84 11.41 4.59
N ILE A 100 11.86 11.63 5.46
CA ILE A 100 10.99 12.78 5.36
C ILE A 100 11.76 14.11 5.48
N ALA A 101 12.77 14.12 6.35
CA ALA A 101 13.62 15.31 6.52
C ALA A 101 14.37 15.62 5.23
N GLU A 102 14.87 14.59 4.58
CA GLU A 102 15.52 14.74 3.30
C GLU A 102 14.55 15.26 2.24
N LYS A 103 13.40 14.61 2.12
CA LYS A 103 12.39 15.03 1.14
C LYS A 103 11.93 16.46 1.39
N THR A 104 11.89 16.84 2.66
CA THR A 104 11.48 18.21 3.00
C THR A 104 12.53 19.23 2.57
N ALA A 105 13.80 18.83 2.59
CA ALA A 105 14.87 19.72 2.14
C ALA A 105 14.80 19.94 0.62
N ALA A 106 14.59 18.86 -0.13
CA ALA A 106 14.48 18.95 -1.58
C ALA A 106 13.17 19.58 -2.07
N ASP A 107 12.08 19.29 -1.37
CA ASP A 107 10.75 19.76 -1.78
C ASP A 107 9.94 20.02 -0.52
N PRO A 108 10.03 21.25 0.00
CA PRO A 108 9.41 21.68 1.26
C PRO A 108 7.91 21.36 1.36
N GLN A 109 7.14 21.69 0.33
CA GLN A 109 5.69 21.44 0.39
C GLN A 109 5.37 19.95 0.50
N TYR A 110 6.02 19.15 -0.33
CA TYR A 110 5.73 17.73 -0.40
C TYR A 110 6.22 16.98 0.84
N GLY A 111 7.41 17.33 1.32
CA GLY A 111 7.96 16.68 2.49
C GLY A 111 7.09 16.94 3.71
N ASN A 112 6.55 18.16 3.79
CA ASN A 112 5.68 18.52 4.89
C ASN A 112 4.33 17.80 4.84
N LEU A 113 3.83 17.58 3.63
CA LEU A 113 2.61 16.80 3.42
C LEU A 113 2.86 15.42 4.00
N MET A 114 4.00 14.86 3.62
CA MET A 114 4.40 13.54 4.06
C MET A 114 4.53 13.45 5.59
N LEU A 115 5.03 14.51 6.23
CA LEU A 115 5.05 14.55 7.69
C LEU A 115 3.63 14.47 8.25
N LYS A 116 2.71 15.26 7.71
CA LYS A 116 1.32 15.24 8.16
C LYS A 116 0.75 13.83 8.02
N GLN A 117 1.08 13.19 6.91
CA GLN A 117 0.59 11.85 6.65
C GLN A 117 1.17 10.89 7.67
N TYR A 118 2.44 11.09 8.01
CA TYR A 118 3.08 10.26 9.03
C TYR A 118 2.41 10.47 10.39
N LEU A 119 2.17 11.72 10.76
CA LEU A 119 1.58 11.97 12.07
C LEU A 119 0.19 11.37 12.18
N PHE A 120 -0.60 11.44 11.09
CA PHE A 120 -1.92 10.81 11.12
C PHE A 120 -1.79 9.28 11.25
N LEU A 121 -0.86 8.69 10.48
CA LEU A 121 -0.79 7.23 10.41
C LEU A 121 -0.32 6.61 11.71
N LYS A 122 0.60 7.28 12.41
CA LYS A 122 1.08 6.69 13.65
C LYS A 122 -0.04 6.59 14.70
N GLU A 123 -1.11 7.35 14.53
CA GLU A 123 -2.26 7.23 15.44
C GLU A 123 -3.28 6.23 14.94
N ASN A 124 -3.15 5.79 13.68
CA ASN A 124 -4.18 4.99 13.04
C ASN A 124 -3.67 3.68 12.48
N MET A 125 -2.46 3.29 12.87
CA MET A 125 -1.90 2.08 12.32
C MET A 125 -2.65 0.80 12.73
N ASP A 126 -3.34 0.81 13.88
CA ASP A 126 -4.16 -0.32 14.30
CA ASP A 126 -4.11 -0.36 14.27
C ASP A 126 -5.22 -0.63 13.24
N ARG A 127 -5.79 0.41 12.66
CA ARG A 127 -6.85 0.26 11.67
C ARG A 127 -6.33 -0.28 10.35
N VAL A 128 -5.19 0.24 9.90
CA VAL A 128 -4.54 -0.29 8.70
C VAL A 128 -4.31 -1.79 8.88
N THR A 129 -3.61 -2.13 9.97
CA THR A 129 -3.33 -3.51 10.32
C THR A 129 -4.60 -4.33 10.31
N ASN A 130 -5.60 -3.85 11.04
CA ASN A 130 -6.87 -4.55 11.12
C ASN A 130 -7.46 -4.84 9.73
N LYS A 131 -7.53 -3.83 8.88
CA LYS A 131 -8.11 -4.00 7.54
C LYS A 131 -7.24 -4.88 6.67
N VAL A 132 -5.92 -4.70 6.73
CA VAL A 132 -5.01 -5.57 5.96
C VAL A 132 -5.27 -7.06 6.23
N GLU A 133 -5.49 -7.43 7.49
CA GLU A 133 -5.68 -8.83 7.85
C GLU A 133 -7.02 -9.35 7.38
N LYS A 134 -8.07 -8.54 7.53
CA LYS A 134 -9.40 -8.96 7.12
C LYS A 134 -9.46 -9.19 5.62
N VAL A 135 -8.93 -8.26 4.82
CA VAL A 135 -9.05 -8.46 3.37
C VAL A 135 -8.13 -9.54 2.82
N TYR A 136 -6.90 -9.63 3.34
CA TYR A 136 -6.00 -10.68 2.90
C TYR A 136 -6.62 -12.06 3.14
N LYS A 137 -7.19 -12.25 4.32
CA LYS A 137 -7.86 -13.49 4.66
C LYS A 137 -8.97 -13.80 3.67
N ASP A 138 -9.86 -12.83 3.46
CA ASP A 138 -11.00 -13.04 2.57
C ASP A 138 -10.65 -13.22 1.10
N VAL A 139 -9.63 -12.52 0.63
CA VAL A 139 -9.24 -12.64 -0.76
C VAL A 139 -8.64 -14.02 -1.02
N THR A 140 -7.92 -14.54 -0.04
CA THR A 140 -7.20 -15.81 -0.19
C THR A 140 -7.98 -17.04 0.30
N VAL A 141 -9.26 -16.91 0.54
CA VAL A 141 -10.01 -18.07 0.97
C VAL A 141 -10.21 -18.95 -0.22
N GLN A 142 -10.63 -20.17 0.04
CA GLN A 142 -11.22 -21.02 -0.97
C GLN A 142 -12.21 -21.95 -0.30
N GLY A 143 -13.10 -22.50 -1.09
CA GLY A 143 -13.12 -22.22 -2.49
C GLY A 143 -14.29 -21.35 -2.90
N LYS A 144 -15.48 -21.70 -2.45
CA LYS A 144 -16.65 -20.94 -2.88
C LYS A 144 -16.78 -19.64 -2.12
N PRO A 145 -16.66 -18.53 -2.83
CA PRO A 145 -16.68 -17.20 -2.23
C PRO A 145 -18.05 -16.73 -1.83
N SER A 146 -18.15 -16.15 -0.66
CA SER A 146 -19.36 -15.47 -0.24
C SER A 146 -19.61 -14.28 -1.16
N HIS A 147 -20.75 -13.62 -0.95
CA HIS A 147 -21.02 -12.35 -1.61
C HIS A 147 -19.84 -11.37 -1.40
N LYS A 148 -19.38 -11.24 -0.17
CA LYS A 148 -18.32 -10.27 0.13
C LYS A 148 -17.00 -10.64 -0.52
N GLN A 149 -16.60 -11.90 -0.36
CA GLN A 149 -15.36 -12.41 -0.94
C GLN A 149 -15.30 -12.22 -2.45
N LYS A 150 -16.44 -12.32 -3.12
CA LYS A 150 -16.51 -12.03 -4.54
C LYS A 150 -16.22 -10.56 -4.82
N PHE A 151 -16.82 -9.67 -4.04
CA PHE A 151 -16.54 -8.24 -4.18
C PHE A 151 -15.06 -7.96 -3.94
N LEU A 152 -14.53 -8.53 -2.87
CA LEU A 152 -13.14 -8.28 -2.48
C LEU A 152 -12.19 -8.80 -3.55
N LYS A 153 -12.45 -10.00 -4.05
CA LYS A 153 -11.61 -10.58 -5.10
C LYS A 153 -11.58 -9.72 -6.34
N GLY A 154 -12.72 -9.13 -6.67
CA GLY A 154 -12.83 -8.29 -7.85
C GLY A 154 -12.04 -6.98 -7.71
N VAL A 155 -12.09 -6.39 -6.52
CA VAL A 155 -11.50 -5.06 -6.34
C VAL A 155 -10.04 -5.11 -5.87
N CYS A 156 -9.57 -6.30 -5.45
CA CYS A 156 -8.21 -6.42 -4.90
C CYS A 156 -7.27 -7.10 -5.86
N CYS A 157 -5.99 -6.75 -5.77
CA CYS A 157 -4.94 -7.53 -6.42
C CYS A 157 -5.05 -9.03 -6.06
N ASP A 158 -4.57 -9.86 -6.97
CA ASP A 158 -4.47 -11.30 -6.74
C ASP A 158 -3.24 -11.53 -5.87
N PHE A 159 -3.42 -11.44 -4.56
CA PHE A 159 -2.28 -11.52 -3.64
C PHE A 159 -1.44 -12.79 -3.84
N PRO A 160 -2.08 -13.97 -3.93
CA PRO A 160 -1.27 -15.18 -4.08
C PRO A 160 -0.41 -15.17 -5.33
N LYS A 161 -0.96 -14.67 -6.44
CA LYS A 161 -0.19 -14.60 -7.67
C LYS A 161 1.03 -13.70 -7.49
N LEU A 162 0.83 -12.54 -6.85
CA LEU A 162 1.94 -11.61 -6.60
C LEU A 162 3.00 -12.21 -5.66
N GLU A 163 2.56 -13.05 -4.73
CA GLU A 163 3.51 -13.70 -3.81
C GLU A 163 4.41 -14.67 -4.56
N GLU A 164 3.83 -15.39 -5.51
CA GLU A 164 4.60 -16.27 -6.39
C GLU A 164 5.63 -15.46 -7.17
N LYS A 165 5.20 -14.33 -7.71
CA LYS A 165 6.10 -13.46 -8.45
C LYS A 165 7.25 -12.98 -7.56
N CYS A 166 6.93 -12.67 -6.31
CA CYS A 166 7.96 -12.27 -5.34
C CYS A 166 8.95 -13.40 -5.15
N GLN A 167 8.43 -14.63 -5.01
CA GLN A 167 9.27 -15.81 -4.85
C GLN A 167 10.18 -15.98 -6.06
N GLU A 168 9.60 -15.86 -7.25
CA GLU A 168 10.36 -15.99 -8.49
C GLU A 168 11.49 -14.97 -8.56
N TYR A 169 11.26 -13.80 -8.00
CA TYR A 169 12.29 -12.77 -7.98
C TYR A 169 13.49 -13.26 -7.18
N LYS A 170 13.23 -14.03 -6.14
CA LYS A 170 14.28 -14.57 -5.29
C LYS A 170 15.08 -15.66 -6.01
N GLU A 171 15.61 -15.29 -7.17
CA GLU A 171 16.56 -16.10 -7.92
C GLU A 171 17.90 -15.41 -7.74
N ARG A 172 17.86 -14.23 -7.13
CA ARG A 172 19.04 -13.42 -6.88
C ARG A 172 19.89 -14.04 -5.79
#